data_4CF6
#
_entry.id   4CF6
#
_cell.length_a   104.167
_cell.length_b   104.563
_cell.length_c   118.566
_cell.angle_alpha   90.00
_cell.angle_beta   90.00
_cell.angle_gamma   90.00
#
_symmetry.space_group_name_H-M   'I 2 2 2'
#
loop_
_entity.id
_entity.type
_entity.pdbx_description
1 polymer 'NAD(P)H DEHYDROGENASE [QUINONE] 1'
2 non-polymer 'FLAVIN-ADENINE DINUCLEOTIDE'
3 non-polymer 'CIBACRON BLUE'
4 water water
#
_entity_poly.entity_id   1
_entity_poly.type   'polypeptide(L)'
_entity_poly.pdbx_seq_one_letter_code
;MGSSHHHHHHSSGLVPRGSHMVGRRALIVLAHSERTSFNYAMKEAAAAALKKKGWEVVESDLYAMNFNPIISRKDITGKL
KDPANFQYPAESVLAYKEGHLSPDIVAEQKKLEAADLVIFQFPLQWFGVPAILKGWFERVFIGEFAYTYAAMYDKGPFRS
KKAVLSITTGGSGSMYSLQGIHGDMNVILWPIQSGILHFCGFQVLESQLTYSIGHTPADARIQILEGWKKRLENIWDETP
LYFAPSSLFDLNFQAGFLMKKEVQDEEKNKKFGLSVGHHLGKSIPTDNQIKARK
;
_entity_poly.pdbx_strand_id   A,B
#
loop_
_chem_comp.id
_chem_comp.type
_chem_comp.name
_chem_comp.formula
CBD non-polymer 'CIBACRON BLUE' 'C29 H20 Cl N7 O11 S3'
FAD non-polymer 'FLAVIN-ADENINE DINUCLEOTIDE' 'C27 H33 N9 O15 P2'
#
# COMPACT_ATOMS: atom_id res chain seq x y z
N ARG A 24 -22.76 22.43 0.32
CA ARG A 24 -21.76 21.45 0.74
C ARG A 24 -22.11 20.04 0.26
N ARG A 25 -21.28 19.48 -0.61
CA ARG A 25 -21.50 18.13 -1.10
C ARG A 25 -20.38 17.20 -0.65
N ALA A 26 -20.72 15.94 -0.42
CA ALA A 26 -19.76 14.96 0.08
C ALA A 26 -19.83 13.66 -0.71
N LEU A 27 -18.71 12.95 -0.78
CA LEU A 27 -18.66 11.67 -1.48
C LEU A 27 -18.11 10.55 -0.60
N ILE A 28 -18.87 9.47 -0.49
CA ILE A 28 -18.45 8.33 0.33
C ILE A 28 -18.06 7.15 -0.55
N VAL A 29 -16.83 6.68 -0.40
CA VAL A 29 -16.35 5.53 -1.15
C VAL A 29 -16.21 4.33 -0.23
N LEU A 30 -16.87 3.23 -0.57
CA LEU A 30 -16.88 2.05 0.29
C LEU A 30 -16.39 0.78 -0.41
N ALA A 31 -15.33 0.19 0.12
CA ALA A 31 -14.77 -1.02 -0.45
C ALA A 31 -15.04 -2.25 0.42
N HIS A 32 -16.28 -2.74 0.39
CA HIS A 32 -16.65 -3.98 1.08
C HIS A 32 -17.74 -4.70 0.30
N SER A 33 -17.66 -6.04 0.29
CA SER A 33 -18.55 -6.85 -0.54
C SER A 33 -19.90 -7.11 0.11
N GLU A 34 -19.94 -7.02 1.44
CA GLU A 34 -21.12 -7.44 2.18
C GLU A 34 -21.90 -6.25 2.75
N ARG A 35 -23.21 -6.44 2.88
CA ARG A 35 -24.10 -5.45 3.46
C ARG A 35 -24.10 -5.56 4.98
N THR A 36 -23.93 -6.79 5.46
CA THR A 36 -23.92 -7.06 6.89
C THR A 36 -22.62 -6.62 7.57
N SER A 37 -21.70 -6.07 6.78
CA SER A 37 -20.40 -5.64 7.29
C SER A 37 -20.52 -4.41 8.16
N PHE A 38 -19.58 -4.25 9.09
CA PHE A 38 -19.56 -3.08 9.94
C PHE A 38 -19.12 -1.85 9.16
N ASN A 39 -18.48 -2.10 8.02
CA ASN A 39 -18.10 -1.01 7.12
C ASN A 39 -19.31 -0.40 6.42
N TYR A 40 -20.26 -1.25 6.04
CA TYR A 40 -21.51 -0.78 5.45
C TYR A 40 -22.28 0.04 6.48
N ALA A 41 -22.34 -0.48 7.70
CA ALA A 41 -23.00 0.21 8.80
C ALA A 41 -22.29 1.53 9.10
N MET A 42 -20.97 1.51 9.01
CA MET A 42 -20.17 2.71 9.25
C MET A 42 -20.38 3.71 8.12
N LYS A 43 -20.59 3.19 6.91
CA LYS A 43 -20.89 4.03 5.76
C LYS A 43 -22.23 4.73 5.93
N GLU A 44 -23.29 3.93 6.07
CA GLU A 44 -24.65 4.43 6.16
C GLU A 44 -24.84 5.42 7.31
N ALA A 45 -24.05 5.24 8.37
CA ALA A 45 -24.07 6.15 9.51
C ALA A 45 -23.58 7.54 9.10
N ALA A 46 -22.54 7.57 8.27
CA ALA A 46 -21.99 8.83 7.79
C ALA A 46 -23.01 9.57 6.95
N ALA A 47 -23.75 8.81 6.14
CA ALA A 47 -24.79 9.37 5.30
C ALA A 47 -25.86 10.08 6.13
N ALA A 48 -26.44 9.37 7.08
CA ALA A 48 -27.51 9.91 7.91
C ALA A 48 -27.05 11.13 8.72
N ALA A 49 -25.79 11.11 9.12
CA ALA A 49 -25.24 12.19 9.94
C ALA A 49 -25.01 13.46 9.12
N LEU A 50 -24.50 13.29 7.91
CA LEU A 50 -24.20 14.43 7.06
C LEU A 50 -25.46 15.00 6.43
N LYS A 51 -26.39 14.13 6.04
CA LYS A 51 -27.63 14.56 5.41
C LYS A 51 -28.49 15.41 6.33
N LYS A 52 -28.43 15.12 7.63
CA LYS A 52 -29.16 15.89 8.62
C LYS A 52 -28.54 17.27 8.80
N LYS A 53 -27.28 17.41 8.37
CA LYS A 53 -26.57 18.68 8.49
C LYS A 53 -26.75 19.53 7.22
N GLY A 54 -27.47 19.01 6.25
CA GLY A 54 -27.71 19.73 5.01
C GLY A 54 -26.69 19.46 3.92
N TRP A 55 -26.02 18.31 4.01
CA TRP A 55 -25.05 17.91 3.01
C TRP A 55 -25.71 17.18 1.84
N GLU A 56 -25.17 17.38 0.65
CA GLU A 56 -25.62 16.63 -0.53
C GLU A 56 -24.67 15.46 -0.76
N VAL A 57 -25.03 14.30 -0.22
CA VAL A 57 -24.13 13.16 -0.18
C VAL A 57 -24.37 12.14 -1.29
N VAL A 58 -23.32 11.84 -2.05
CA VAL A 58 -23.34 10.76 -3.02
C VAL A 58 -22.43 9.64 -2.55
N GLU A 59 -22.74 8.42 -2.94
CA GLU A 59 -21.98 7.26 -2.48
C GLU A 59 -21.32 6.53 -3.65
N SER A 60 -20.45 5.59 -3.33
CA SER A 60 -19.73 4.82 -4.35
C SER A 60 -19.30 3.45 -3.82
N ASP A 61 -20.27 2.60 -3.53
CA ASP A 61 -19.98 1.22 -3.14
C ASP A 61 -19.30 0.55 -4.32
N LEU A 62 -17.98 0.36 -4.20
CA LEU A 62 -17.18 -0.17 -5.30
C LEU A 62 -17.64 -1.57 -5.71
N TYR A 63 -17.97 -2.39 -4.72
CA TYR A 63 -18.40 -3.75 -4.98
C TYR A 63 -19.77 -3.79 -5.64
N ALA A 64 -20.68 -2.94 -5.18
CA ALA A 64 -22.04 -2.90 -5.70
C ALA A 64 -22.07 -2.45 -7.16
N MET A 65 -21.19 -1.50 -7.50
CA MET A 65 -21.12 -0.96 -8.85
C MET A 65 -20.48 -1.94 -9.84
N ASN A 66 -19.96 -3.05 -9.33
CA ASN A 66 -19.15 -3.97 -10.12
C ASN A 66 -17.96 -3.24 -10.73
N PHE A 67 -17.41 -2.29 -9.97
CA PHE A 67 -16.31 -1.47 -10.46
C PHE A 67 -15.07 -2.30 -10.83
N ASN A 68 -14.49 -2.00 -11.98
CA ASN A 68 -13.28 -2.66 -12.44
C ASN A 68 -12.04 -1.86 -12.03
N PRO A 69 -11.21 -2.43 -11.15
CA PRO A 69 -10.01 -1.76 -10.63
C PRO A 69 -8.77 -1.93 -11.51
N ILE A 70 -8.88 -2.75 -12.56
CA ILE A 70 -7.72 -3.05 -13.40
C ILE A 70 -7.57 -2.08 -14.56
N ILE A 71 -6.46 -1.34 -14.57
CA ILE A 71 -6.16 -0.41 -15.66
C ILE A 71 -5.84 -1.19 -16.94
N SER A 72 -6.18 -0.60 -18.07
CA SER A 72 -5.88 -1.21 -19.37
C SER A 72 -5.94 -0.17 -20.48
N ARG A 73 -5.60 -0.59 -21.70
CA ARG A 73 -5.66 0.29 -22.86
C ARG A 73 -7.11 0.60 -23.23
N LYS A 74 -8.04 -0.18 -22.66
CA LYS A 74 -9.46 0.01 -22.90
C LYS A 74 -10.00 1.16 -22.07
N ASP A 75 -9.20 1.66 -21.14
CA ASP A 75 -9.57 2.84 -20.36
C ASP A 75 -9.67 4.05 -21.29
N ILE A 76 -8.99 3.95 -22.42
CA ILE A 76 -9.04 4.97 -23.46
C ILE A 76 -10.02 4.54 -24.55
N THR A 77 -11.06 5.34 -24.74
CA THR A 77 -12.10 5.03 -25.72
C THR A 77 -11.85 5.69 -27.07
N GLY A 78 -10.71 6.36 -27.20
CA GLY A 78 -10.36 7.02 -28.44
C GLY A 78 -9.23 6.31 -29.17
N LYS A 79 -8.79 6.90 -30.28
CA LYS A 79 -7.67 6.34 -31.03
C LYS A 79 -6.38 6.44 -30.24
N LEU A 80 -5.73 5.31 -30.00
CA LEU A 80 -4.47 5.29 -29.27
C LEU A 80 -3.36 5.97 -30.07
N LYS A 81 -2.49 6.68 -29.36
CA LYS A 81 -1.39 7.39 -29.99
C LYS A 81 -0.31 6.40 -30.45
N ASP A 82 -0.19 5.30 -29.73
CA ASP A 82 0.76 4.25 -30.09
C ASP A 82 0.24 2.89 -29.62
N PRO A 83 -0.49 2.19 -30.51
CA PRO A 83 -1.03 0.86 -30.22
C PRO A 83 0.05 -0.22 -30.15
N ALA A 84 1.24 0.08 -30.68
CA ALA A 84 2.35 -0.86 -30.63
C ALA A 84 2.94 -0.93 -29.22
N ASN A 85 3.68 0.11 -28.83
CA ASN A 85 4.20 0.22 -27.47
C ASN A 85 3.31 1.09 -26.60
N PHE A 86 2.38 0.46 -25.89
CA PHE A 86 1.43 1.18 -25.05
C PHE A 86 2.05 1.61 -23.72
N GLN A 87 1.97 2.91 -23.43
CA GLN A 87 2.37 3.44 -22.15
C GLN A 87 1.17 4.10 -21.49
N TYR A 88 0.72 3.56 -20.37
CA TYR A 88 -0.53 4.03 -19.77
C TYR A 88 -0.47 5.50 -19.28
N PRO A 89 0.61 5.92 -18.59
CA PRO A 89 0.53 7.31 -18.12
C PRO A 89 0.62 8.34 -19.25
N ALA A 90 0.83 7.89 -20.48
CA ALA A 90 0.91 8.78 -21.62
C ALA A 90 -0.42 8.88 -22.34
N GLU A 91 -1.07 7.74 -22.55
CA GLU A 91 -2.34 7.72 -23.26
C GLU A 91 -3.49 8.18 -22.37
N SER A 92 -3.31 8.05 -21.05
CA SER A 92 -4.34 8.44 -20.10
C SER A 92 -4.45 9.95 -19.97
N VAL A 93 -3.31 10.64 -20.00
CA VAL A 93 -3.31 12.09 -19.89
C VAL A 93 -3.89 12.72 -21.14
N LEU A 94 -3.50 12.18 -22.31
CA LEU A 94 -4.00 12.69 -23.59
C LEU A 94 -5.52 12.51 -23.71
N ALA A 95 -6.02 11.37 -23.27
CA ALA A 95 -7.44 11.06 -23.39
C ALA A 95 -8.30 11.98 -22.53
N TYR A 96 -7.76 12.38 -21.37
CA TYR A 96 -8.48 13.25 -20.46
C TYR A 96 -8.71 14.63 -21.08
N LYS A 97 -7.69 15.14 -21.74
CA LYS A 97 -7.74 16.46 -22.38
C LYS A 97 -8.65 16.46 -23.60
N GLU A 98 -8.97 15.27 -24.09
CA GLU A 98 -9.77 15.13 -25.30
C GLU A 98 -11.11 14.47 -25.00
N GLY A 99 -11.30 14.06 -23.75
CA GLY A 99 -12.53 13.44 -23.32
C GLY A 99 -12.69 12.01 -23.84
N HIS A 100 -11.59 11.27 -23.88
CA HIS A 100 -11.62 9.91 -24.40
C HIS A 100 -11.33 8.85 -23.34
N LEU A 101 -11.61 9.17 -22.09
CA LEU A 101 -11.50 8.18 -21.02
C LEU A 101 -12.74 7.31 -20.98
N SER A 102 -12.62 6.15 -20.34
CA SER A 102 -13.74 5.22 -20.18
C SER A 102 -14.91 5.88 -19.45
N PRO A 103 -16.14 5.54 -19.85
CA PRO A 103 -17.34 6.19 -19.31
C PRO A 103 -17.53 5.97 -17.81
N ASP A 104 -16.97 4.89 -17.27
CA ASP A 104 -17.10 4.61 -15.84
C ASP A 104 -16.07 5.41 -15.04
N ILE A 105 -14.99 5.80 -15.69
CA ILE A 105 -13.97 6.62 -15.04
C ILE A 105 -14.41 8.08 -15.00
N VAL A 106 -14.95 8.56 -16.12
CA VAL A 106 -15.44 9.92 -16.21
C VAL A 106 -16.57 10.15 -15.20
N ALA A 107 -17.42 9.13 -15.05
CA ALA A 107 -18.53 9.20 -14.10
C ALA A 107 -18.04 9.42 -12.68
N GLU A 108 -16.94 8.75 -12.33
CA GLU A 108 -16.35 8.89 -11.01
C GLU A 108 -15.70 10.25 -10.82
N GLN A 109 -15.05 10.73 -11.88
CA GLN A 109 -14.33 12.00 -11.82
C GLN A 109 -15.26 13.19 -11.62
N LYS A 110 -16.46 13.10 -12.18
CA LYS A 110 -17.48 14.12 -12.00
C LYS A 110 -17.84 14.26 -10.52
N LYS A 111 -17.88 13.14 -9.82
CA LYS A 111 -18.18 13.12 -8.40
C LYS A 111 -17.01 13.61 -7.56
N LEU A 112 -15.80 13.44 -8.07
CA LEU A 112 -14.61 13.88 -7.37
C LEU A 112 -14.55 15.39 -7.25
N GLU A 113 -14.88 16.10 -8.33
CA GLU A 113 -14.81 17.56 -8.33
C GLU A 113 -16.02 18.19 -7.65
N ALA A 114 -17.19 17.57 -7.79
CA ALA A 114 -18.41 18.11 -7.24
C ALA A 114 -18.48 17.94 -5.72
N ALA A 115 -17.66 17.04 -5.19
CA ALA A 115 -17.66 16.73 -3.76
C ALA A 115 -16.66 17.58 -2.98
N ASP A 116 -17.11 18.10 -1.85
CA ASP A 116 -16.25 18.92 -0.99
C ASP A 116 -15.50 18.07 0.02
N LEU A 117 -16.15 17.01 0.48
CA LEU A 117 -15.52 16.08 1.42
C LEU A 117 -15.50 14.68 0.85
N VAL A 118 -14.36 14.02 0.97
CA VAL A 118 -14.25 12.65 0.47
C VAL A 118 -13.94 11.69 1.60
N ILE A 119 -14.77 10.67 1.75
CA ILE A 119 -14.63 9.71 2.83
C ILE A 119 -14.33 8.33 2.30
N PHE A 120 -13.20 7.78 2.73
CA PHE A 120 -12.81 6.45 2.29
C PHE A 120 -13.05 5.44 3.40
N GLN A 121 -14.11 4.66 3.24
CA GLN A 121 -14.48 3.64 4.22
C GLN A 121 -14.04 2.27 3.72
N PHE A 122 -13.19 1.61 4.48
CA PHE A 122 -12.70 0.29 4.11
C PHE A 122 -12.10 -0.45 5.29
N PRO A 123 -12.11 -1.79 5.24
CA PRO A 123 -11.33 -2.58 6.19
C PRO A 123 -9.86 -2.55 5.82
N LEU A 124 -8.97 -2.55 6.81
CA LEU A 124 -7.54 -2.66 6.54
C LEU A 124 -7.27 -4.03 5.91
N GLN A 125 -6.55 -4.04 4.81
CA GLN A 125 -6.25 -5.28 4.12
C GLN A 125 -4.79 -5.37 3.72
N TRP A 126 -4.06 -6.26 4.40
CA TRP A 126 -2.62 -6.42 4.22
C TRP A 126 -1.89 -5.09 4.28
N PHE A 127 -2.15 -4.34 5.35
CA PHE A 127 -1.46 -3.09 5.64
C PHE A 127 -1.67 -2.08 4.53
N GLY A 128 -2.90 -2.03 4.01
CA GLY A 128 -3.24 -1.08 2.98
C GLY A 128 -4.70 -1.19 2.56
N VAL A 129 -5.07 -0.40 1.56
CA VAL A 129 -6.42 -0.42 1.03
C VAL A 129 -6.66 -1.70 0.22
N PRO A 130 -7.92 -2.14 0.16
CA PRO A 130 -8.29 -3.28 -0.69
C PRO A 130 -7.93 -3.04 -2.15
N ALA A 131 -7.69 -4.12 -2.90
CA ALA A 131 -7.35 -4.02 -4.31
C ALA A 131 -8.34 -3.15 -5.07
N ILE A 132 -9.63 -3.34 -4.80
CA ILE A 132 -10.66 -2.64 -5.54
C ILE A 132 -10.57 -1.13 -5.30
N LEU A 133 -10.03 -0.72 -4.16
CA LEU A 133 -9.85 0.70 -3.88
C LEU A 133 -8.55 1.21 -4.49
N LYS A 134 -7.51 0.40 -4.40
CA LYS A 134 -6.22 0.74 -5.01
C LYS A 134 -6.40 0.99 -6.49
N GLY A 135 -7.17 0.11 -7.14
CA GLY A 135 -7.44 0.23 -8.55
C GLY A 135 -8.35 1.39 -8.87
N TRP A 136 -9.13 1.81 -7.88
CA TRP A 136 -10.00 2.98 -8.04
C TRP A 136 -9.14 4.22 -8.17
N PHE A 137 -8.15 4.32 -7.29
CA PHE A 137 -7.14 5.37 -7.37
C PHE A 137 -6.44 5.39 -8.73
N GLU A 138 -5.96 4.22 -9.15
CA GLU A 138 -5.17 4.12 -10.37
C GLU A 138 -5.90 4.58 -11.63
N ARG A 139 -7.18 4.24 -11.73
CA ARG A 139 -7.96 4.56 -12.92
C ARG A 139 -8.56 5.96 -12.89
N VAL A 140 -8.93 6.44 -11.71
CA VAL A 140 -9.61 7.74 -11.61
C VAL A 140 -8.61 8.89 -11.49
N PHE A 141 -7.58 8.71 -10.66
CA PHE A 141 -6.56 9.75 -10.51
C PHE A 141 -5.67 9.81 -11.73
N ILE A 142 -6.22 10.29 -12.84
CA ILE A 142 -5.48 10.44 -14.09
C ILE A 142 -4.68 11.75 -14.07
N GLY A 143 -3.51 11.74 -14.70
CA GLY A 143 -2.69 12.94 -14.80
C GLY A 143 -3.46 14.13 -15.36
N GLU A 144 -3.05 15.33 -14.97
CA GLU A 144 -3.73 16.60 -15.33
C GLU A 144 -5.06 16.78 -14.61
N PHE A 145 -5.79 15.69 -14.39
CA PHE A 145 -7.03 15.77 -13.62
C PHE A 145 -6.74 15.87 -12.13
N ALA A 146 -6.03 14.88 -11.60
CA ALA A 146 -5.79 14.78 -10.17
C ALA A 146 -4.46 15.41 -9.77
N TYR A 147 -3.47 15.34 -10.64
CA TYR A 147 -2.13 15.83 -10.29
C TYR A 147 -1.36 16.41 -11.47
N THR A 148 -0.28 17.11 -11.15
CA THR A 148 0.63 17.70 -12.13
C THR A 148 1.95 18.01 -11.42
N TYR A 149 3.07 17.82 -12.11
CA TYR A 149 4.38 18.09 -11.51
C TYR A 149 4.63 19.59 -11.36
N ALA A 150 3.85 20.39 -12.09
CA ALA A 150 3.95 21.85 -12.00
C ALA A 150 3.01 22.37 -10.91
N ALA A 151 2.21 21.47 -10.36
CA ALA A 151 1.28 21.81 -9.29
C ALA A 151 0.95 20.57 -8.48
N MET A 152 1.91 20.10 -7.68
CA MET A 152 1.72 18.90 -6.87
C MET A 152 1.77 19.21 -5.37
N TYR A 153 1.13 18.35 -4.58
CA TYR A 153 0.99 18.49 -3.13
C TYR A 153 0.31 19.79 -2.72
N ASP A 154 1.08 20.79 -2.30
CA ASP A 154 0.51 22.05 -1.82
C ASP A 154 -0.29 22.76 -2.91
N LYS A 155 0.08 22.52 -4.17
CA LYS A 155 -0.56 23.18 -5.31
C LYS A 155 -1.48 22.26 -6.09
N GLY A 156 -1.69 21.06 -5.58
CA GLY A 156 -2.54 20.09 -6.26
C GLY A 156 -3.93 20.61 -6.53
N PRO A 157 -4.57 20.11 -7.60
CA PRO A 157 -5.92 20.46 -8.05
C PRO A 157 -6.99 20.36 -6.97
N PHE A 158 -6.79 19.48 -5.99
CA PHE A 158 -7.78 19.26 -4.93
C PHE A 158 -7.39 19.97 -3.64
N ARG A 159 -7.01 21.24 -3.77
CA ARG A 159 -6.60 22.05 -2.62
C ARG A 159 -7.75 22.38 -1.69
N SER A 160 -8.85 22.87 -2.27
CA SER A 160 -10.01 23.24 -1.49
C SER A 160 -10.88 22.01 -1.19
N LYS A 161 -10.22 20.93 -0.81
CA LYS A 161 -10.91 19.67 -0.51
C LYS A 161 -10.21 18.91 0.61
N LYS A 162 -11.00 18.27 1.46
CA LYS A 162 -10.45 17.52 2.58
C LYS A 162 -10.81 16.04 2.48
N ALA A 163 -9.85 15.18 2.81
CA ALA A 163 -10.05 13.74 2.74
C ALA A 163 -9.86 13.08 4.10
N VAL A 164 -10.68 12.06 4.37
CA VAL A 164 -10.57 11.32 5.63
C VAL A 164 -10.35 9.83 5.35
N LEU A 165 -9.86 9.12 6.36
CA LEU A 165 -9.76 7.67 6.29
C LEU A 165 -10.52 7.04 7.44
N SER A 166 -11.52 6.22 7.12
CA SER A 166 -12.29 5.53 8.14
C SER A 166 -12.06 4.03 8.03
N ILE A 167 -11.13 3.54 8.85
CA ILE A 167 -10.61 2.18 8.69
C ILE A 167 -10.99 1.28 9.85
N THR A 168 -11.24 0.01 9.56
CA THR A 168 -11.47 -0.98 10.59
C THR A 168 -10.43 -2.09 10.45
N THR A 169 -9.75 -2.42 11.53
CA THR A 169 -8.74 -3.48 11.49
C THR A 169 -9.20 -4.70 12.28
N GLY A 170 -8.49 -5.82 12.08
CA GLY A 170 -8.75 -7.01 12.86
C GLY A 170 -7.89 -7.01 14.11
N GLY A 171 -6.71 -6.41 14.01
CA GLY A 171 -5.80 -6.33 15.12
C GLY A 171 -6.08 -5.13 16.01
N SER A 172 -5.62 -5.21 17.25
CA SER A 172 -5.84 -4.16 18.24
C SER A 172 -4.92 -2.97 18.00
N GLY A 173 -5.03 -1.97 18.86
CA GLY A 173 -4.22 -0.77 18.76
C GLY A 173 -2.84 -0.92 19.37
N SER A 174 -2.71 -1.86 20.31
CA SER A 174 -1.43 -2.09 20.95
C SER A 174 -0.47 -2.77 19.97
N MET A 175 -1.01 -3.59 19.08
CA MET A 175 -0.21 -4.26 18.07
C MET A 175 0.33 -3.28 17.04
N TYR A 176 -0.34 -2.14 16.91
CA TYR A 176 0.08 -1.11 15.97
C TYR A 176 0.69 0.09 16.69
N SER A 177 1.00 -0.08 17.97
CA SER A 177 1.69 0.95 18.73
C SER A 177 3.17 0.94 18.38
N LEU A 178 3.92 1.90 18.90
CA LEU A 178 5.35 1.97 18.65
C LEU A 178 6.05 0.73 19.18
N GLN A 179 5.48 0.16 20.23
CA GLN A 179 6.02 -1.03 20.88
C GLN A 179 5.25 -2.29 20.51
N GLY A 180 4.61 -2.27 19.34
CA GLY A 180 3.81 -3.40 18.88
C GLY A 180 4.56 -4.37 17.96
N ILE A 181 3.89 -5.43 17.56
CA ILE A 181 4.53 -6.46 16.73
C ILE A 181 4.51 -6.07 15.25
N HIS A 182 3.45 -5.37 14.84
CA HIS A 182 3.31 -4.97 13.45
C HIS A 182 4.06 -3.67 13.17
N GLY A 183 4.15 -2.81 14.18
CA GLY A 183 4.87 -1.57 14.04
C GLY A 183 3.94 -0.38 14.11
N ASP A 184 4.50 0.81 13.98
CA ASP A 184 3.73 2.04 14.07
C ASP A 184 2.70 2.16 12.95
N MET A 185 1.44 2.33 13.33
CA MET A 185 0.36 2.48 12.36
C MET A 185 0.54 3.75 11.54
N ASN A 186 1.20 4.75 12.13
CA ASN A 186 1.53 5.98 11.42
C ASN A 186 2.34 5.73 10.15
N VAL A 187 3.23 4.76 10.21
CA VAL A 187 4.06 4.39 9.06
C VAL A 187 3.21 3.79 7.94
N ILE A 188 2.23 3.00 8.34
CA ILE A 188 1.37 2.29 7.38
C ILE A 188 0.46 3.25 6.62
N LEU A 189 -0.03 4.29 7.29
CA LEU A 189 -0.93 5.26 6.68
C LEU A 189 -0.23 6.30 5.82
N TRP A 190 1.10 6.34 5.90
CA TRP A 190 1.87 7.37 5.19
C TRP A 190 1.83 7.25 3.66
N PRO A 191 2.12 6.06 3.09
CA PRO A 191 2.09 5.97 1.62
C PRO A 191 0.69 6.09 1.04
N ILE A 192 -0.32 6.35 1.87
CA ILE A 192 -1.69 6.51 1.41
C ILE A 192 -2.16 7.94 1.57
N GLN A 193 -1.90 8.51 2.74
CA GLN A 193 -2.34 9.87 3.04
C GLN A 193 -1.41 10.92 2.43
N SER A 194 -0.13 10.60 2.34
CA SER A 194 0.83 11.50 1.72
C SER A 194 0.91 11.32 0.21
N GLY A 195 1.36 10.14 -0.22
CA GLY A 195 1.66 9.89 -1.61
C GLY A 195 0.48 9.77 -2.55
N ILE A 196 -0.71 9.55 -2.01
CA ILE A 196 -1.91 9.40 -2.85
C ILE A 196 -2.87 10.57 -2.67
N LEU A 197 -3.23 10.84 -1.42
CA LEU A 197 -4.18 11.90 -1.12
C LEU A 197 -3.55 13.28 -1.25
N HIS A 198 -2.59 13.58 -0.38
CA HIS A 198 -1.97 14.89 -0.34
C HIS A 198 -1.30 15.25 -1.67
N PHE A 199 -0.77 14.25 -2.36
CA PHE A 199 -0.07 14.45 -3.62
C PHE A 199 -0.94 15.19 -4.63
N CYS A 200 -2.25 14.99 -4.54
CA CYS A 200 -3.19 15.60 -5.47
C CYS A 200 -3.84 16.85 -4.89
N GLY A 201 -3.29 17.32 -3.77
CA GLY A 201 -3.74 18.57 -3.18
C GLY A 201 -4.62 18.41 -1.96
N PHE A 202 -5.11 17.19 -1.76
CA PHE A 202 -6.01 16.89 -0.66
C PHE A 202 -5.46 17.28 0.70
N GLN A 203 -6.35 17.77 1.57
CA GLN A 203 -6.01 17.99 2.96
C GLN A 203 -6.52 16.79 3.76
N VAL A 204 -5.59 16.00 4.30
CA VAL A 204 -5.99 14.80 5.01
C VAL A 204 -6.26 15.11 6.48
N LEU A 205 -7.47 14.79 6.93
CA LEU A 205 -7.84 15.00 8.31
C LEU A 205 -7.44 13.79 9.15
N GLU A 206 -7.69 13.87 10.45
CA GLU A 206 -7.34 12.77 11.36
C GLU A 206 -8.13 11.51 11.03
N SER A 207 -7.39 10.42 10.79
CA SER A 207 -8.01 9.16 10.43
C SER A 207 -8.86 8.59 11.56
N GLN A 208 -10.00 8.00 11.21
CA GLN A 208 -10.86 7.35 12.18
C GLN A 208 -10.48 5.87 12.27
N LEU A 209 -9.68 5.53 13.27
CA LEU A 209 -9.12 4.19 13.39
C LEU A 209 -9.98 3.28 14.26
N THR A 210 -10.34 2.12 13.71
CA THR A 210 -11.15 1.15 14.43
C THR A 210 -10.39 -0.18 14.58
N TYR A 211 -9.61 -0.28 15.64
CA TYR A 211 -8.83 -1.48 15.91
C TYR A 211 -9.70 -2.63 16.41
N SER A 212 -9.37 -3.83 15.94
CA SER A 212 -10.06 -5.06 16.34
C SER A 212 -11.57 -4.91 16.46
N ILE A 213 -12.23 -4.71 15.32
CA ILE A 213 -13.67 -4.50 15.33
C ILE A 213 -14.40 -5.84 15.47
N GLY A 214 -13.71 -6.93 15.14
CA GLY A 214 -14.28 -8.25 15.27
C GLY A 214 -14.39 -8.69 16.72
N HIS A 215 -13.70 -7.96 17.60
CA HIS A 215 -13.62 -8.33 19.01
C HIS A 215 -14.20 -7.24 19.91
N THR A 216 -15.08 -6.42 19.36
CA THR A 216 -15.71 -5.35 20.12
C THR A 216 -17.10 -5.78 20.56
N PRO A 217 -17.39 -5.66 21.86
CA PRO A 217 -18.71 -5.99 22.42
C PRO A 217 -19.85 -5.28 21.70
N ALA A 218 -20.99 -5.97 21.61
CA ALA A 218 -22.12 -5.53 20.82
C ALA A 218 -22.57 -4.11 21.12
N ASP A 219 -22.66 -3.77 22.41
CA ASP A 219 -23.18 -2.47 22.80
C ASP A 219 -22.08 -1.41 22.76
N ALA A 220 -20.86 -1.84 22.48
CA ALA A 220 -19.75 -0.92 22.30
C ALA A 220 -19.62 -0.55 20.84
N ARG A 221 -19.94 -1.50 19.96
CA ARG A 221 -19.97 -1.22 18.53
C ARG A 221 -20.97 -0.11 18.25
N ILE A 222 -22.13 -0.19 18.89
CA ILE A 222 -23.20 0.80 18.72
C ILE A 222 -22.73 2.20 19.12
N GLN A 223 -21.80 2.28 20.07
CA GLN A 223 -21.28 3.56 20.52
C GLN A 223 -20.34 4.16 19.48
N ILE A 224 -19.57 3.31 18.82
CA ILE A 224 -18.63 3.76 17.79
C ILE A 224 -19.34 4.52 16.68
N LEU A 225 -20.50 4.02 16.28
CA LEU A 225 -21.31 4.68 15.25
C LEU A 225 -21.70 6.09 15.67
N GLU A 226 -21.94 6.28 16.96
CA GLU A 226 -22.34 7.59 17.49
C GLU A 226 -21.17 8.56 17.55
N GLY A 227 -20.01 8.07 17.96
CA GLY A 227 -18.82 8.89 18.02
C GLY A 227 -18.36 9.33 16.64
N TRP A 228 -18.75 8.54 15.64
CA TRP A 228 -18.45 8.86 14.24
C TRP A 228 -19.45 9.88 13.73
N LYS A 229 -20.71 9.73 14.12
CA LYS A 229 -21.75 10.63 13.66
C LYS A 229 -21.64 12.00 14.31
N LYS A 230 -21.23 12.02 15.57
CA LYS A 230 -21.02 13.29 16.27
C LYS A 230 -19.82 14.03 15.69
N ARG A 231 -18.85 13.27 15.20
CA ARG A 231 -17.63 13.85 14.66
C ARG A 231 -17.89 14.63 13.37
N LEU A 232 -18.78 14.09 12.53
CA LEU A 232 -19.06 14.67 11.23
C LEU A 232 -19.94 15.92 11.32
N GLU A 233 -20.35 16.27 12.53
CA GLU A 233 -21.14 17.47 12.76
C GLU A 233 -20.29 18.72 12.64
N ASN A 234 -19.01 18.59 12.99
CA ASN A 234 -18.08 19.71 12.94
C ASN A 234 -16.72 19.24 12.43
N ILE A 235 -16.73 18.50 11.33
CA ILE A 235 -15.50 17.90 10.80
C ILE A 235 -14.79 18.83 9.84
N TRP A 236 -15.54 19.73 9.21
CA TRP A 236 -14.98 20.63 8.22
C TRP A 236 -14.15 21.75 8.84
N ASP A 237 -14.28 21.89 10.16
CA ASP A 237 -13.54 22.93 10.88
C ASP A 237 -12.47 22.31 11.77
N GLU A 238 -12.13 21.06 11.49
CA GLU A 238 -11.06 20.37 12.20
C GLU A 238 -9.70 20.83 11.70
N THR A 239 -8.67 20.60 12.50
CA THR A 239 -7.30 20.86 12.08
C THR A 239 -6.74 19.58 11.46
N PRO A 240 -6.34 19.65 10.19
CA PRO A 240 -5.85 18.48 9.46
C PRO A 240 -4.46 18.04 9.91
N LEU A 241 -3.99 16.93 9.36
CA LEU A 241 -2.65 16.44 9.64
C LEU A 241 -1.60 17.37 9.07
N TYR A 242 -0.38 17.30 9.60
CA TYR A 242 0.70 18.14 9.09
C TYR A 242 1.55 17.41 8.06
N PHE A 243 1.73 18.05 6.91
CA PHE A 243 2.71 17.61 5.93
C PHE A 243 3.73 18.72 5.69
N ALA A 244 4.93 18.34 5.26
CA ALA A 244 5.92 19.33 4.90
C ALA A 244 5.48 20.05 3.64
N PRO A 245 5.24 21.36 3.74
CA PRO A 245 4.81 22.12 2.56
C PRO A 245 5.91 22.09 1.50
N SER A 246 5.52 22.14 0.23
CA SER A 246 6.48 22.02 -0.86
C SER A 246 7.18 23.36 -1.12
N SER A 247 6.79 24.35 -0.32
CA SER A 247 7.39 25.68 -0.37
C SER A 247 8.85 25.64 0.11
N LEU A 248 9.26 24.48 0.63
CA LEU A 248 10.59 24.29 1.17
C LEU A 248 11.46 23.46 0.23
N PHE A 249 10.90 23.08 -0.90
CA PHE A 249 11.61 22.24 -1.87
C PHE A 249 11.95 23.04 -3.13
N ASP A 250 12.97 22.58 -3.85
CA ASP A 250 13.43 23.26 -5.05
C ASP A 250 12.39 23.20 -6.16
N LEU A 251 11.75 22.04 -6.30
CA LEU A 251 10.66 21.82 -7.26
C LEU A 251 11.08 22.03 -8.72
N ASN A 252 12.34 21.75 -9.03
CA ASN A 252 12.78 21.65 -10.42
C ASN A 252 13.42 20.29 -10.64
N PHE A 253 13.60 19.93 -11.90
CA PHE A 253 14.02 18.57 -12.23
C PHE A 253 15.54 18.44 -12.27
N GLN A 254 16.24 19.56 -12.16
CA GLN A 254 17.69 19.56 -12.16
C GLN A 254 18.26 19.51 -10.74
N ALA A 255 17.55 20.10 -9.79
CA ALA A 255 17.97 20.04 -8.39
C ALA A 255 17.54 18.70 -7.79
N GLY A 256 16.63 18.02 -8.46
CA GLY A 256 16.18 16.70 -8.03
C GLY A 256 15.00 16.76 -7.09
N PHE A 257 14.27 17.87 -7.15
CA PHE A 257 13.15 18.13 -6.23
C PHE A 257 13.56 17.98 -4.77
N LEU A 258 14.82 18.31 -4.47
CA LEU A 258 15.33 18.19 -3.12
C LEU A 258 14.96 19.42 -2.28
N MET A 259 15.25 19.34 -0.99
CA MET A 259 14.97 20.44 -0.09
C MET A 259 15.95 21.59 -0.31
N LYS A 260 15.54 22.80 0.03
CA LYS A 260 16.40 23.97 -0.06
C LYS A 260 17.45 23.95 1.05
N LYS A 261 18.66 24.37 0.73
CA LYS A 261 19.76 24.32 1.69
C LYS A 261 19.55 25.37 2.78
N GLU A 262 18.75 26.39 2.47
CA GLU A 262 18.33 27.39 3.44
C GLU A 262 17.53 26.73 4.57
N VAL A 263 16.86 25.64 4.24
CA VAL A 263 16.03 24.91 5.19
C VAL A 263 16.78 23.71 5.78
N GLN A 264 17.60 23.06 4.95
CA GLN A 264 18.38 21.91 5.40
C GLN A 264 19.28 22.26 6.57
N ASP A 265 19.77 23.50 6.59
CA ASP A 265 20.62 23.98 7.67
C ASP A 265 19.79 24.42 8.87
N GLU A 266 18.51 24.69 8.64
CA GLU A 266 17.61 25.07 9.71
C GLU A 266 17.10 23.82 10.43
N GLU A 267 16.83 22.77 9.66
CA GLU A 267 16.27 21.54 10.20
C GLU A 267 17.34 20.62 10.78
N LYS A 268 18.57 21.11 10.85
CA LYS A 268 19.67 20.30 11.36
C LYS A 268 19.88 20.56 12.84
N ASN A 269 19.24 21.61 13.35
CA ASN A 269 19.32 21.94 14.76
C ASN A 269 18.11 21.42 15.53
N LYS A 270 17.22 20.73 14.83
CA LYS A 270 15.99 20.23 15.44
C LYS A 270 16.12 18.77 15.87
N LYS A 271 15.26 18.34 16.78
CA LYS A 271 15.27 16.97 17.26
C LYS A 271 14.35 16.09 16.43
N PHE A 272 13.14 16.59 16.19
CA PHE A 272 12.15 15.84 15.42
C PHE A 272 12.22 16.17 13.93
N GLY A 273 11.81 15.21 13.10
CA GLY A 273 11.75 15.41 11.66
C GLY A 273 10.48 16.16 11.33
N LEU A 274 10.23 16.37 10.04
CA LEU A 274 9.04 17.10 9.61
C LEU A 274 7.84 16.17 9.63
N SER A 275 8.01 15.00 9.01
CA SER A 275 6.97 13.99 8.96
C SER A 275 7.58 12.60 8.94
N VAL A 276 6.75 11.59 8.76
CA VAL A 276 7.20 10.22 8.77
C VAL A 276 8.17 9.94 7.62
N GLY A 277 7.79 10.31 6.40
CA GLY A 277 8.64 10.14 5.24
C GLY A 277 9.71 11.21 5.16
N HIS A 278 9.39 12.38 5.71
CA HIS A 278 10.36 13.46 5.81
C HIS A 278 10.96 13.50 7.21
N HIS A 279 11.46 12.35 7.65
CA HIS A 279 12.01 12.22 9.00
C HIS A 279 13.45 12.72 9.07
N LEU A 280 14.17 12.60 7.97
CA LEU A 280 15.56 13.04 7.87
C LEU A 280 16.48 12.32 8.84
N GLY A 281 16.29 11.00 8.96
CA GLY A 281 17.16 10.17 9.78
C GLY A 281 17.17 10.54 11.26
N LYS A 282 16.12 11.23 11.71
CA LYS A 282 15.97 11.57 13.11
C LYS A 282 14.62 11.12 13.63
N SER A 283 14.26 11.61 14.82
CA SER A 283 13.06 11.20 15.52
C SER A 283 11.77 11.60 14.80
N ILE A 284 10.79 10.70 14.78
CA ILE A 284 9.52 10.94 14.09
C ILE A 284 8.43 11.44 15.04
N PRO A 285 7.81 12.59 14.71
CA PRO A 285 6.76 13.22 15.50
C PRO A 285 5.64 12.26 15.89
N THR A 286 5.31 12.21 17.18
CA THR A 286 4.32 11.26 17.70
C THR A 286 2.94 11.43 17.09
N ASP A 287 2.46 10.37 16.45
CA ASP A 287 1.16 10.35 15.79
C ASP A 287 1.02 11.44 14.73
N ASN A 288 2.08 11.64 13.96
CA ASN A 288 2.09 12.65 12.91
C ASN A 288 1.09 12.35 11.80
N GLN A 289 0.80 11.07 11.60
CA GLN A 289 -0.12 10.61 10.56
C GLN A 289 -1.51 10.24 11.11
N ILE A 290 -1.70 10.37 12.41
CA ILE A 290 -3.00 10.05 13.02
C ILE A 290 -3.56 11.22 13.83
N LYS A 291 -2.67 11.94 14.50
CA LYS A 291 -3.07 13.09 15.31
C LYS A 291 -2.69 14.39 14.63
N ALA A 292 -3.53 15.41 14.79
CA ALA A 292 -3.27 16.71 14.19
C ALA A 292 -2.12 17.41 14.90
N ARG A 293 -1.59 18.45 14.27
CA ARG A 293 -0.52 19.24 14.88
C ARG A 293 -1.05 20.54 15.49
N ARG B 24 16.54 -26.24 -6.43
CA ARG B 24 15.93 -24.98 -6.05
C ARG B 24 14.93 -24.50 -7.10
N ARG B 25 13.83 -23.91 -6.65
CA ARG B 25 12.81 -23.42 -7.56
C ARG B 25 12.55 -21.94 -7.32
N ALA B 26 12.19 -21.22 -8.38
CA ALA B 26 11.90 -19.80 -8.27
C ALA B 26 10.55 -19.44 -8.88
N LEU B 27 9.83 -18.55 -8.23
CA LEU B 27 8.56 -18.04 -8.75
C LEU B 27 8.66 -16.55 -9.09
N ILE B 28 8.17 -16.17 -10.26
CA ILE B 28 8.18 -14.77 -10.68
C ILE B 28 6.77 -14.26 -10.89
N VAL B 29 6.40 -13.22 -10.16
CA VAL B 29 5.05 -12.65 -10.28
C VAL B 29 5.10 -11.30 -10.99
N LEU B 30 4.73 -11.30 -12.27
CA LEU B 30 4.78 -10.10 -13.10
C LEU B 30 3.48 -9.33 -13.05
N ALA B 31 3.57 -8.00 -12.91
CA ALA B 31 2.38 -7.17 -12.83
C ALA B 31 2.43 -5.97 -13.79
N HIS B 32 2.35 -6.26 -15.08
CA HIS B 32 2.26 -5.21 -16.10
C HIS B 32 1.35 -5.67 -17.25
N SER B 33 0.52 -4.76 -17.75
CA SER B 33 -0.46 -5.10 -18.78
C SER B 33 0.17 -5.20 -20.15
N GLU B 34 1.39 -4.71 -20.28
CA GLU B 34 2.03 -4.56 -21.59
C GLU B 34 3.20 -5.50 -21.78
N ARG B 35 3.16 -6.25 -22.87
CA ARG B 35 4.22 -7.16 -23.24
C ARG B 35 5.46 -6.38 -23.66
N THR B 36 5.23 -5.14 -24.10
CA THR B 36 6.28 -4.28 -24.59
C THR B 36 6.89 -3.42 -23.48
N SER B 37 6.62 -3.80 -22.24
CA SER B 37 7.08 -3.05 -21.07
C SER B 37 8.43 -3.52 -20.57
N PHE B 38 9.16 -2.63 -19.91
CA PHE B 38 10.47 -2.99 -19.38
C PHE B 38 10.35 -3.98 -18.23
N ASN B 39 9.20 -3.97 -17.57
CA ASN B 39 8.93 -4.94 -16.51
C ASN B 39 8.86 -6.35 -17.06
N TYR B 40 8.34 -6.48 -18.28
CA TYR B 40 8.29 -7.78 -18.94
C TYR B 40 9.67 -8.22 -19.38
N ALA B 41 10.48 -7.26 -19.80
CA ALA B 41 11.87 -7.53 -20.16
C ALA B 41 12.64 -7.98 -18.93
N MET B 42 12.35 -7.33 -17.81
CA MET B 42 13.00 -7.63 -16.54
C MET B 42 12.58 -9.00 -16.03
N LYS B 43 11.36 -9.41 -16.38
CA LYS B 43 10.88 -10.73 -16.02
C LYS B 43 11.56 -11.83 -16.83
N GLU B 44 11.56 -11.65 -18.14
CA GLU B 44 12.15 -12.63 -19.06
C GLU B 44 13.64 -12.83 -18.81
N ALA B 45 14.35 -11.72 -18.58
CA ALA B 45 15.78 -11.77 -18.31
C ALA B 45 16.07 -12.49 -16.99
N ALA B 46 15.20 -12.27 -16.00
CA ALA B 46 15.33 -12.94 -14.71
C ALA B 46 15.08 -14.43 -14.86
N ALA B 47 14.12 -14.78 -15.71
CA ALA B 47 13.79 -16.18 -15.95
C ALA B 47 14.98 -16.92 -16.54
N ALA B 48 15.44 -16.45 -17.70
CA ALA B 48 16.53 -17.11 -18.43
C ALA B 48 17.82 -17.18 -17.61
N ALA B 49 18.02 -16.21 -16.73
CA ALA B 49 19.22 -16.19 -15.89
C ALA B 49 19.17 -17.30 -14.85
N LEU B 50 17.98 -17.57 -14.35
CA LEU B 50 17.81 -18.61 -13.34
C LEU B 50 17.86 -20.00 -13.96
N LYS B 51 17.18 -20.16 -15.10
CA LYS B 51 17.20 -21.42 -15.82
C LYS B 51 18.63 -21.76 -16.24
N LYS B 52 19.44 -20.73 -16.44
CA LYS B 52 20.86 -20.89 -16.76
C LYS B 52 21.60 -21.60 -15.63
N LYS B 53 21.21 -21.31 -14.39
CA LYS B 53 21.86 -21.88 -13.22
C LYS B 53 21.12 -23.10 -12.67
N GLY B 54 20.27 -23.70 -13.51
CA GLY B 54 19.57 -24.92 -13.14
C GLY B 54 18.43 -24.71 -12.16
N TRP B 55 17.75 -23.57 -12.29
CA TRP B 55 16.59 -23.26 -11.46
C TRP B 55 15.31 -23.69 -12.14
N GLU B 56 14.40 -24.30 -11.39
CA GLU B 56 13.07 -24.56 -11.90
C GLU B 56 12.23 -23.29 -11.75
N VAL B 57 12.04 -22.59 -12.86
CA VAL B 57 11.38 -21.30 -12.83
C VAL B 57 9.90 -21.40 -13.21
N VAL B 58 9.04 -20.86 -12.35
CA VAL B 58 7.62 -20.78 -12.64
C VAL B 58 7.20 -19.31 -12.68
N GLU B 59 6.34 -18.96 -13.62
CA GLU B 59 5.91 -17.57 -13.78
C GLU B 59 4.45 -17.36 -13.40
N SER B 60 4.10 -16.12 -13.09
CA SER B 60 2.73 -15.77 -12.71
C SER B 60 2.34 -14.42 -13.30
N ASP B 61 2.20 -14.38 -14.63
CA ASP B 61 1.80 -13.18 -15.35
C ASP B 61 0.34 -12.87 -15.09
N LEU B 62 0.06 -11.96 -14.15
CA LEU B 62 -1.30 -11.70 -13.68
C LEU B 62 -2.25 -11.23 -14.79
N TYR B 63 -1.84 -10.21 -15.54
CA TYR B 63 -2.66 -9.70 -16.64
C TYR B 63 -2.88 -10.77 -17.71
N ALA B 64 -1.81 -11.48 -18.06
CA ALA B 64 -1.90 -12.53 -19.07
C ALA B 64 -2.72 -13.72 -18.56
N MET B 65 -2.68 -13.97 -17.26
CA MET B 65 -3.47 -15.04 -16.65
C MET B 65 -4.93 -14.61 -16.44
N ASN B 66 -5.23 -13.35 -16.76
CA ASN B 66 -6.54 -12.76 -16.52
C ASN B 66 -6.96 -12.94 -15.07
N PHE B 67 -5.99 -12.88 -14.17
CA PHE B 67 -6.19 -13.15 -12.75
C PHE B 67 -7.25 -12.25 -12.13
N ASN B 68 -8.14 -12.86 -11.35
CA ASN B 68 -9.16 -12.11 -10.62
C ASN B 68 -8.59 -11.58 -9.32
N PRO B 69 -8.56 -10.24 -9.16
CA PRO B 69 -7.95 -9.61 -8.00
C PRO B 69 -8.93 -9.19 -6.90
N ILE B 70 -10.20 -9.59 -7.02
CA ILE B 70 -11.20 -9.15 -6.06
C ILE B 70 -11.70 -10.30 -5.19
N ILE B 71 -11.72 -10.08 -3.87
CA ILE B 71 -12.17 -11.10 -2.94
C ILE B 71 -13.69 -11.10 -2.81
N SER B 72 -14.26 -12.28 -2.70
CA SER B 72 -15.70 -12.45 -2.56
C SER B 72 -16.03 -13.86 -2.09
N ARG B 73 -17.31 -14.12 -1.83
CA ARG B 73 -17.74 -15.45 -1.41
C ARG B 73 -17.58 -16.43 -2.57
N LYS B 74 -17.40 -15.89 -3.77
CA LYS B 74 -17.15 -16.68 -4.96
C LYS B 74 -15.82 -17.43 -4.84
N ASP B 75 -14.96 -16.98 -3.93
CA ASP B 75 -13.68 -17.62 -3.64
C ASP B 75 -13.87 -18.96 -2.96
N ILE B 76 -15.05 -19.16 -2.37
CA ILE B 76 -15.38 -20.42 -1.71
C ILE B 76 -16.37 -21.22 -2.57
N THR B 77 -15.89 -22.32 -3.13
CA THR B 77 -16.69 -23.13 -4.03
C THR B 77 -17.68 -24.03 -3.29
N GLY B 78 -17.32 -24.42 -2.08
CA GLY B 78 -18.17 -25.29 -1.27
C GLY B 78 -19.37 -24.54 -0.71
N LYS B 79 -19.92 -25.08 0.39
CA LYS B 79 -21.08 -24.46 1.02
C LYS B 79 -20.63 -23.51 2.11
N LEU B 80 -21.18 -22.29 2.11
CA LEU B 80 -20.80 -21.29 3.07
C LEU B 80 -21.28 -21.65 4.47
N LYS B 81 -20.44 -21.35 5.46
CA LYS B 81 -20.77 -21.54 6.87
C LYS B 81 -21.90 -20.61 7.29
N ASP B 82 -21.92 -19.42 6.70
CA ASP B 82 -22.93 -18.42 7.02
C ASP B 82 -23.13 -17.44 5.88
N PRO B 83 -24.02 -17.76 4.94
CA PRO B 83 -24.31 -16.89 3.78
C PRO B 83 -25.09 -15.64 4.17
N ALA B 84 -25.64 -15.63 5.37
CA ALA B 84 -26.30 -14.45 5.93
C ALA B 84 -25.26 -13.41 6.33
N ASN B 85 -24.51 -13.71 7.39
CA ASN B 85 -23.41 -12.86 7.84
C ASN B 85 -22.08 -13.44 7.36
N PHE B 86 -21.64 -13.01 6.18
CA PHE B 86 -20.41 -13.53 5.57
C PHE B 86 -19.19 -12.69 5.93
N GLN B 87 -18.15 -13.36 6.41
CA GLN B 87 -16.89 -12.71 6.75
C GLN B 87 -15.74 -13.46 6.08
N TYR B 88 -15.07 -12.80 5.13
CA TYR B 88 -14.03 -13.45 4.34
C TYR B 88 -12.88 -14.06 5.15
N PRO B 89 -12.29 -13.30 6.10
CA PRO B 89 -11.14 -13.88 6.81
C PRO B 89 -11.47 -15.17 7.55
N ALA B 90 -12.61 -15.19 8.23
CA ALA B 90 -12.98 -16.35 9.03
C ALA B 90 -13.60 -17.47 8.20
N GLU B 91 -14.00 -17.15 6.98
CA GLU B 91 -14.67 -18.13 6.12
C GLU B 91 -13.71 -18.70 5.07
N SER B 92 -12.62 -17.97 4.81
CA SER B 92 -11.62 -18.40 3.85
C SER B 92 -10.67 -19.43 4.47
N VAL B 93 -10.44 -19.30 5.77
CA VAL B 93 -9.60 -20.24 6.48
C VAL B 93 -10.22 -21.64 6.42
N LEU B 94 -11.54 -21.68 6.55
CA LEU B 94 -12.30 -22.93 6.52
C LEU B 94 -12.18 -23.68 5.19
N ALA B 95 -12.45 -22.97 4.10
CA ALA B 95 -12.39 -23.55 2.77
C ALA B 95 -11.03 -24.18 2.49
N TYR B 96 -9.98 -23.53 2.96
CA TYR B 96 -8.61 -24.03 2.78
C TYR B 96 -8.41 -25.35 3.52
N LYS B 97 -8.90 -25.42 4.75
CA LYS B 97 -8.75 -26.61 5.57
C LYS B 97 -9.45 -27.81 4.96
N GLU B 98 -10.64 -27.58 4.41
CA GLU B 98 -11.46 -28.66 3.87
C GLU B 98 -11.22 -28.85 2.37
N GLY B 99 -10.59 -27.87 1.74
CA GLY B 99 -10.29 -27.95 0.32
C GLY B 99 -11.42 -27.45 -0.56
N HIS B 100 -12.03 -26.34 -0.16
CA HIS B 100 -13.10 -25.74 -0.95
C HIS B 100 -12.69 -24.38 -1.51
N LEU B 101 -11.42 -24.25 -1.87
CA LEU B 101 -10.91 -23.02 -2.47
C LEU B 101 -10.98 -23.07 -3.99
N SER B 102 -11.14 -21.89 -4.58
CA SER B 102 -11.18 -21.75 -6.04
C SER B 102 -9.90 -22.32 -6.66
N PRO B 103 -10.03 -22.92 -7.86
CA PRO B 103 -8.90 -23.58 -8.52
C PRO B 103 -7.76 -22.62 -8.81
N ASP B 104 -8.07 -21.38 -9.15
CA ASP B 104 -7.06 -20.36 -9.40
C ASP B 104 -6.23 -20.09 -8.15
N ILE B 105 -6.92 -19.93 -7.02
CA ILE B 105 -6.25 -19.68 -5.75
C ILE B 105 -5.35 -20.84 -5.35
N VAL B 106 -5.86 -22.06 -5.49
CA VAL B 106 -5.10 -23.26 -5.18
C VAL B 106 -3.92 -23.44 -6.14
N ALA B 107 -4.16 -23.18 -7.42
CA ALA B 107 -3.10 -23.30 -8.42
C ALA B 107 -1.96 -22.32 -8.15
N GLU B 108 -2.28 -21.20 -7.50
CA GLU B 108 -1.26 -20.22 -7.13
C GLU B 108 -0.64 -20.56 -5.77
N GLN B 109 -1.44 -21.14 -4.88
CA GLN B 109 -0.94 -21.52 -3.57
C GLN B 109 0.09 -22.63 -3.68
N LYS B 110 -0.06 -23.47 -4.70
CA LYS B 110 0.87 -24.57 -4.93
C LYS B 110 2.20 -24.08 -5.50
N LYS B 111 2.14 -23.04 -6.32
CA LYS B 111 3.34 -22.46 -6.90
C LYS B 111 4.19 -21.80 -5.83
N LEU B 112 3.53 -21.24 -4.83
CA LEU B 112 4.22 -20.69 -3.67
C LEU B 112 5.01 -21.78 -2.96
N GLU B 113 4.30 -22.74 -2.39
CA GLU B 113 4.89 -23.83 -1.62
C GLU B 113 6.02 -24.55 -2.35
N ALA B 114 5.89 -24.70 -3.66
CA ALA B 114 6.88 -25.40 -4.46
C ALA B 114 8.18 -24.61 -4.59
N ALA B 115 8.06 -23.31 -4.85
CA ALA B 115 9.20 -22.45 -5.14
C ALA B 115 10.01 -22.08 -3.90
N ASP B 116 11.30 -21.81 -4.10
CA ASP B 116 12.19 -21.43 -3.01
C ASP B 116 12.44 -19.92 -3.00
N LEU B 117 12.30 -19.32 -4.18
CA LEU B 117 12.52 -17.88 -4.32
C LEU B 117 11.35 -17.22 -5.03
N VAL B 118 10.84 -16.15 -4.45
CA VAL B 118 9.73 -15.43 -5.07
C VAL B 118 10.16 -14.02 -5.47
N ILE B 119 9.83 -13.64 -6.70
CA ILE B 119 10.23 -12.34 -7.21
C ILE B 119 9.01 -11.56 -7.69
N PHE B 120 8.84 -10.37 -7.13
CA PHE B 120 7.72 -9.52 -7.48
C PHE B 120 8.17 -8.41 -8.41
N GLN B 121 7.91 -8.60 -9.70
CA GLN B 121 8.29 -7.61 -10.70
C GLN B 121 7.09 -6.72 -11.02
N PHE B 122 7.22 -5.43 -10.74
CA PHE B 122 6.13 -4.49 -10.99
C PHE B 122 6.61 -3.05 -11.03
N PRO B 123 5.85 -2.19 -11.74
CA PRO B 123 6.05 -0.74 -11.66
C PRO B 123 5.41 -0.18 -10.40
N LEU B 124 6.10 0.73 -9.72
CA LEU B 124 5.53 1.39 -8.57
C LEU B 124 4.29 2.14 -9.00
N GLN B 125 3.15 1.78 -8.43
CA GLN B 125 1.91 2.48 -8.73
C GLN B 125 1.30 3.06 -7.47
N TRP B 126 1.23 4.39 -7.44
CA TRP B 126 0.73 5.16 -6.30
C TRP B 126 1.33 4.71 -4.98
N PHE B 127 2.66 4.71 -4.93
CA PHE B 127 3.41 4.48 -3.70
C PHE B 127 3.13 3.10 -3.12
N GLY B 128 2.75 2.18 -4.00
CA GLY B 128 2.48 0.81 -3.62
C GLY B 128 2.44 -0.09 -4.83
N VAL B 129 1.80 -1.24 -4.70
CA VAL B 129 1.72 -2.21 -5.78
C VAL B 129 0.41 -2.01 -6.57
N PRO B 130 0.39 -2.48 -7.83
CA PRO B 130 -0.86 -2.50 -8.61
C PRO B 130 -1.96 -3.29 -7.93
N ALA B 131 -3.21 -2.89 -8.13
CA ALA B 131 -4.37 -3.55 -7.52
C ALA B 131 -4.40 -5.04 -7.80
N ILE B 132 -4.03 -5.42 -9.02
CA ILE B 132 -4.03 -6.81 -9.42
C ILE B 132 -3.04 -7.63 -8.59
N LEU B 133 -1.97 -6.98 -8.14
CA LEU B 133 -0.98 -7.64 -7.30
C LEU B 133 -1.43 -7.60 -5.85
N LYS B 134 -2.07 -6.49 -5.47
CA LYS B 134 -2.64 -6.36 -4.14
C LYS B 134 -3.74 -7.39 -3.95
N GLY B 135 -4.55 -7.54 -4.99
CA GLY B 135 -5.60 -8.54 -4.97
C GLY B 135 -5.05 -9.94 -4.94
N TRP B 136 -3.87 -10.11 -5.55
CA TRP B 136 -3.20 -11.40 -5.56
C TRP B 136 -2.88 -11.80 -4.13
N PHE B 137 -2.34 -10.86 -3.37
CA PHE B 137 -2.06 -11.07 -1.96
C PHE B 137 -3.33 -11.40 -1.20
N GLU B 138 -4.40 -10.68 -1.48
CA GLU B 138 -5.64 -10.80 -0.71
C GLU B 138 -6.35 -12.14 -0.92
N ARG B 139 -6.21 -12.71 -2.11
CA ARG B 139 -6.90 -13.96 -2.43
C ARG B 139 -6.02 -15.19 -2.22
N VAL B 140 -4.72 -15.06 -2.43
CA VAL B 140 -3.82 -16.20 -2.30
C VAL B 140 -3.37 -16.39 -0.85
N PHE B 141 -2.89 -15.34 -0.22
CA PHE B 141 -2.45 -15.42 1.18
C PHE B 141 -3.66 -15.59 2.09
N ILE B 142 -4.02 -16.84 2.35
CA ILE B 142 -5.16 -17.16 3.21
C ILE B 142 -4.65 -17.63 4.56
N GLY B 143 -5.41 -17.37 5.62
CA GLY B 143 -5.07 -17.84 6.96
C GLY B 143 -4.87 -19.34 7.00
N GLU B 144 -4.14 -19.80 8.02
CA GLU B 144 -3.75 -21.21 8.20
C GLU B 144 -2.70 -21.65 7.18
N PHE B 145 -2.71 -21.05 6.00
CA PHE B 145 -1.74 -21.35 4.96
C PHE B 145 -0.56 -20.38 5.02
N ALA B 146 -0.83 -19.12 4.73
CA ALA B 146 0.20 -18.10 4.65
C ALA B 146 0.64 -17.61 6.01
N TYR B 147 -0.30 -17.54 6.95
CA TYR B 147 -0.02 -16.97 8.27
C TYR B 147 -0.89 -17.53 9.38
N THR B 148 -0.50 -17.24 10.62
CA THR B 148 -1.22 -17.67 11.81
C THR B 148 -0.74 -16.81 12.99
N TYR B 149 -1.64 -16.54 13.93
CA TYR B 149 -1.31 -15.74 15.11
C TYR B 149 -0.21 -16.40 15.95
N ALA B 150 -0.12 -17.71 15.87
CA ALA B 150 0.92 -18.46 16.57
C ALA B 150 2.18 -18.53 15.72
N ALA B 151 1.99 -18.71 14.41
CA ALA B 151 3.11 -18.78 13.48
C ALA B 151 3.15 -17.58 12.55
N MET B 152 3.80 -16.50 12.99
CA MET B 152 3.94 -15.31 12.14
C MET B 152 5.34 -14.69 12.23
N TYR B 153 5.70 -13.93 11.21
CA TYR B 153 7.01 -13.29 11.08
C TYR B 153 8.16 -14.28 11.19
N ASP B 154 8.96 -14.17 12.25
CA ASP B 154 10.12 -15.06 12.42
C ASP B 154 9.70 -16.53 12.48
N LYS B 155 8.49 -16.78 13.00
CA LYS B 155 7.97 -18.13 13.11
C LYS B 155 6.93 -18.43 12.02
N GLY B 156 6.91 -17.60 10.97
CA GLY B 156 5.92 -17.73 9.92
C GLY B 156 6.07 -19.00 9.10
N PRO B 157 5.00 -19.40 8.40
CA PRO B 157 4.96 -20.61 7.57
C PRO B 157 5.99 -20.60 6.43
N PHE B 158 6.28 -19.42 5.89
CA PHE B 158 7.23 -19.31 4.77
C PHE B 158 8.60 -18.87 5.25
N ARG B 159 9.07 -19.44 6.35
CA ARG B 159 10.33 -19.03 6.97
C ARG B 159 11.55 -19.63 6.28
N SER B 160 11.33 -20.54 5.34
CA SER B 160 12.43 -21.17 4.62
C SER B 160 12.64 -20.50 3.26
N LYS B 161 11.66 -19.71 2.85
CA LYS B 161 11.64 -19.12 1.52
C LYS B 161 12.13 -17.67 1.52
N LYS B 162 12.61 -17.21 0.37
CA LYS B 162 13.08 -15.84 0.22
C LYS B 162 12.25 -15.10 -0.82
N ALA B 163 12.06 -13.80 -0.58
CA ALA B 163 11.29 -12.94 -1.47
C ALA B 163 12.06 -11.68 -1.81
N VAL B 164 11.88 -11.19 -3.04
CA VAL B 164 12.54 -9.96 -3.49
C VAL B 164 11.55 -9.04 -4.19
N LEU B 165 11.77 -7.73 -4.07
CA LEU B 165 10.99 -6.77 -4.84
C LEU B 165 11.82 -6.19 -5.99
N SER B 166 11.28 -6.27 -7.20
CA SER B 166 11.93 -5.70 -8.37
C SER B 166 11.07 -4.59 -8.97
N ILE B 167 11.41 -3.35 -8.65
CA ILE B 167 10.52 -2.22 -8.90
C ILE B 167 11.07 -1.20 -9.90
N THR B 168 10.21 -0.77 -10.82
CA THR B 168 10.56 0.28 -11.77
C THR B 168 9.64 1.49 -11.57
N THR B 169 10.22 2.62 -11.16
CA THR B 169 9.43 3.79 -10.82
C THR B 169 9.52 4.89 -11.87
N GLY B 170 8.55 5.79 -11.86
CA GLY B 170 8.59 6.98 -12.69
C GLY B 170 9.59 7.97 -12.14
N GLY B 171 9.41 8.34 -10.87
CA GLY B 171 10.29 9.30 -10.22
C GLY B 171 11.73 8.82 -10.09
N SER B 172 12.59 9.70 -9.58
CA SER B 172 14.01 9.40 -9.45
C SER B 172 14.40 9.06 -8.02
N GLY B 173 15.64 8.63 -7.84
CA GLY B 173 16.14 8.22 -6.54
C GLY B 173 16.21 9.39 -5.57
N SER B 174 16.39 10.58 -6.11
CA SER B 174 16.48 11.79 -5.31
C SER B 174 15.10 12.23 -4.82
N MET B 175 14.08 11.96 -5.63
CA MET B 175 12.70 12.26 -5.24
C MET B 175 12.28 11.42 -4.04
N TYR B 176 12.83 10.22 -3.94
CA TYR B 176 12.51 9.32 -2.85
C TYR B 176 13.64 9.28 -1.83
N SER B 177 14.55 10.23 -1.94
CA SER B 177 15.63 10.38 -0.98
C SER B 177 15.08 10.95 0.31
N LEU B 178 15.94 11.03 1.33
CA LEU B 178 15.53 11.55 2.63
C LEU B 178 15.04 12.99 2.50
N GLN B 179 15.69 13.75 1.63
CA GLN B 179 15.33 15.14 1.40
C GLN B 179 14.49 15.31 0.13
N GLY B 180 13.99 14.18 -0.38
CA GLY B 180 13.16 14.20 -1.56
C GLY B 180 11.76 14.69 -1.26
N ILE B 181 11.07 15.18 -2.29
CA ILE B 181 9.72 15.70 -2.13
C ILE B 181 8.76 14.59 -1.71
N HIS B 182 9.02 13.38 -2.19
CA HIS B 182 8.14 12.25 -1.91
C HIS B 182 8.41 11.64 -0.55
N GLY B 183 9.70 11.45 -0.24
CA GLY B 183 10.08 10.93 1.05
C GLY B 183 10.85 9.63 0.96
N ASP B 184 11.30 9.14 2.11
CA ASP B 184 12.12 7.92 2.18
C ASP B 184 11.41 6.72 1.57
N MET B 185 12.09 6.08 0.62
CA MET B 185 11.60 4.87 -0.02
C MET B 185 11.41 3.75 0.99
N ASN B 186 12.21 3.76 2.05
CA ASN B 186 12.13 2.75 3.10
C ASN B 186 10.76 2.74 3.75
N VAL B 187 10.14 3.92 3.82
CA VAL B 187 8.81 4.04 4.42
C VAL B 187 7.76 3.52 3.45
N ILE B 188 7.99 3.74 2.16
CA ILE B 188 7.07 3.28 1.12
C ILE B 188 7.16 1.77 0.94
N LEU B 189 8.34 1.21 1.19
CA LEU B 189 8.58 -0.23 1.04
C LEU B 189 8.25 -1.05 2.28
N TRP B 190 8.08 -0.37 3.42
CA TRP B 190 7.88 -1.08 4.69
C TRP B 190 6.56 -1.87 4.78
N PRO B 191 5.40 -1.25 4.46
CA PRO B 191 4.15 -2.01 4.62
C PRO B 191 4.03 -3.22 3.70
N ILE B 192 4.85 -3.26 2.64
CA ILE B 192 4.85 -4.36 1.70
C ILE B 192 5.81 -5.46 2.14
N GLN B 193 7.00 -5.07 2.56
CA GLN B 193 8.05 -6.01 2.92
C GLN B 193 7.88 -6.57 4.33
N SER B 194 7.48 -5.71 5.26
CA SER B 194 7.29 -6.14 6.64
C SER B 194 5.87 -6.65 6.88
N GLY B 195 4.88 -5.85 6.47
CA GLY B 195 3.50 -6.15 6.75
C GLY B 195 2.91 -7.29 5.93
N ILE B 196 3.46 -7.51 4.75
CA ILE B 196 2.93 -8.56 3.88
C ILE B 196 3.89 -9.73 3.74
N LEU B 197 5.11 -9.45 3.30
CA LEU B 197 6.07 -10.50 3.05
C LEU B 197 6.55 -11.14 4.34
N HIS B 198 7.17 -10.34 5.21
CA HIS B 198 7.76 -10.90 6.42
C HIS B 198 6.72 -11.49 7.35
N PHE B 199 5.53 -10.90 7.36
CA PHE B 199 4.45 -11.35 8.24
C PHE B 199 4.12 -12.83 8.04
N CYS B 200 4.35 -13.30 6.82
CA CYS B 200 4.07 -14.69 6.48
C CYS B 200 5.33 -15.54 6.60
N GLY B 201 6.40 -14.94 7.09
CA GLY B 201 7.62 -15.68 7.39
C GLY B 201 8.79 -15.43 6.46
N PHE B 202 8.53 -14.71 5.38
CA PHE B 202 9.51 -14.53 4.31
C PHE B 202 10.81 -13.86 4.73
N GLN B 203 11.88 -14.20 4.00
CA GLN B 203 13.14 -13.49 4.11
C GLN B 203 13.24 -12.50 2.97
N VAL B 204 13.11 -11.22 3.29
CA VAL B 204 13.14 -10.18 2.26
C VAL B 204 14.57 -9.79 1.92
N LEU B 205 14.90 -9.82 0.63
CA LEU B 205 16.21 -9.40 0.15
C LEU B 205 16.18 -7.93 -0.27
N GLU B 206 17.35 -7.40 -0.61
CA GLU B 206 17.46 -6.01 -1.03
C GLU B 206 16.68 -5.77 -2.32
N SER B 207 15.67 -4.90 -2.24
CA SER B 207 14.83 -4.58 -3.39
C SER B 207 15.67 -4.09 -4.57
N GLN B 208 15.23 -4.43 -5.77
CA GLN B 208 15.93 -4.00 -6.99
C GLN B 208 15.21 -2.79 -7.58
N LEU B 209 15.66 -1.61 -7.20
CA LEU B 209 15.00 -0.36 -7.57
C LEU B 209 15.51 0.22 -8.88
N THR B 210 14.61 0.42 -9.83
CA THR B 210 14.97 1.10 -11.07
C THR B 210 14.23 2.43 -11.17
N TYR B 211 14.89 3.51 -10.76
CA TYR B 211 14.28 4.83 -10.79
C TYR B 211 14.31 5.43 -12.17
N SER B 212 13.53 6.50 -12.35
CA SER B 212 13.53 7.32 -13.56
C SER B 212 13.54 6.54 -14.85
N ILE B 213 12.83 5.42 -14.88
CA ILE B 213 12.72 4.66 -16.12
C ILE B 213 11.93 5.51 -17.12
N GLY B 214 12.23 5.36 -18.41
CA GLY B 214 11.64 6.22 -19.42
C GLY B 214 12.56 7.38 -19.75
N HIS B 215 13.37 7.78 -18.78
CA HIS B 215 14.41 8.77 -18.99
C HIS B 215 15.76 8.09 -19.01
N THR B 216 15.73 6.77 -19.17
CA THR B 216 16.94 5.97 -19.22
C THR B 216 17.20 5.49 -20.64
N PRO B 217 18.38 5.84 -21.19
CA PRO B 217 18.80 5.52 -22.57
C PRO B 217 18.73 4.04 -22.90
N ALA B 218 18.65 3.73 -24.19
CA ALA B 218 18.52 2.35 -24.66
C ALA B 218 19.69 1.47 -24.24
N ASP B 219 20.90 1.96 -24.45
CA ASP B 219 22.09 1.19 -24.10
C ASP B 219 22.22 1.06 -22.58
N ALA B 220 21.62 2.01 -21.86
CA ALA B 220 21.62 1.95 -20.41
C ALA B 220 20.59 0.93 -19.91
N ARG B 221 19.51 0.76 -20.66
CA ARG B 221 18.46 -0.18 -20.28
C ARG B 221 18.85 -1.62 -20.54
N ILE B 222 19.79 -1.84 -21.47
CA ILE B 222 20.26 -3.18 -21.75
C ILE B 222 21.24 -3.63 -20.67
N GLN B 223 21.89 -2.66 -20.01
CA GLN B 223 22.85 -2.96 -18.96
C GLN B 223 22.17 -3.27 -17.63
N ILE B 224 21.00 -2.67 -17.41
CA ILE B 224 20.23 -2.92 -16.19
C ILE B 224 19.83 -4.38 -16.12
N LEU B 225 19.42 -4.92 -17.26
CA LEU B 225 19.01 -6.31 -17.36
C LEU B 225 20.17 -7.25 -17.03
N GLU B 226 21.35 -6.98 -17.57
CA GLU B 226 22.51 -7.83 -17.34
C GLU B 226 22.97 -7.80 -15.88
N GLY B 227 22.97 -6.62 -15.28
CA GLY B 227 23.33 -6.47 -13.88
C GLY B 227 22.35 -7.19 -12.99
N TRP B 228 21.08 -7.20 -13.39
CA TRP B 228 20.04 -7.89 -12.66
C TRP B 228 20.23 -9.40 -12.80
N LYS B 229 20.67 -9.81 -13.98
CA LYS B 229 20.92 -11.22 -14.26
C LYS B 229 22.16 -11.71 -13.56
N LYS B 230 23.09 -10.79 -13.32
CA LYS B 230 24.31 -11.15 -12.62
C LYS B 230 24.05 -11.34 -11.13
N ARG B 231 23.27 -10.42 -10.55
CA ARG B 231 22.97 -10.47 -9.12
C ARG B 231 22.27 -11.78 -8.74
N LEU B 232 21.46 -12.28 -9.65
CA LEU B 232 20.70 -13.51 -9.42
C LEU B 232 21.59 -14.74 -9.34
N GLU B 233 22.82 -14.63 -9.84
CA GLU B 233 23.75 -15.75 -9.84
C GLU B 233 24.02 -16.25 -8.42
N ASN B 234 24.27 -15.31 -7.51
CA ASN B 234 24.54 -15.63 -6.13
C ASN B 234 23.61 -14.87 -5.20
N ILE B 235 22.31 -14.95 -5.49
CA ILE B 235 21.32 -14.18 -4.75
C ILE B 235 20.77 -14.96 -3.56
N TRP B 236 21.03 -16.27 -3.52
CA TRP B 236 20.58 -17.10 -2.41
C TRP B 236 21.56 -16.98 -1.24
N ASP B 237 22.74 -16.44 -1.52
CA ASP B 237 23.78 -16.29 -0.50
C ASP B 237 23.88 -14.86 0.00
N GLU B 238 22.88 -14.04 -0.35
CA GLU B 238 22.84 -12.65 0.11
C GLU B 238 22.32 -12.55 1.54
N THR B 239 22.59 -11.41 2.16
CA THR B 239 22.05 -11.11 3.48
C THR B 239 20.69 -10.42 3.33
N PRO B 240 19.66 -10.95 4.01
CA PRO B 240 18.32 -10.36 3.95
C PRO B 240 18.21 -9.08 4.78
N LEU B 241 17.10 -8.37 4.64
CA LEU B 241 16.88 -7.14 5.38
C LEU B 241 16.57 -7.43 6.84
N TYR B 242 16.91 -6.50 7.72
CA TYR B 242 16.75 -6.70 9.16
C TYR B 242 15.34 -6.38 9.64
N PHE B 243 14.79 -7.29 10.43
CA PHE B 243 13.53 -7.04 11.13
C PHE B 243 13.65 -7.46 12.58
N ALA B 244 13.05 -6.67 13.46
CA ALA B 244 13.06 -6.97 14.88
C ALA B 244 12.48 -8.36 15.12
N PRO B 245 13.30 -9.28 15.65
CA PRO B 245 12.88 -10.66 15.90
C PRO B 245 11.70 -10.70 16.84
N SER B 246 10.81 -11.67 16.64
CA SER B 246 9.60 -11.78 17.44
C SER B 246 9.91 -12.18 18.87
N SER B 247 11.15 -12.58 19.11
CA SER B 247 11.63 -12.97 20.43
C SER B 247 11.62 -11.80 21.40
N LEU B 248 11.69 -10.58 20.85
CA LEU B 248 11.72 -9.37 21.66
C LEU B 248 10.32 -8.94 22.07
N PHE B 249 9.31 -9.68 21.62
CA PHE B 249 7.94 -9.35 21.93
C PHE B 249 7.28 -10.45 22.74
N ASP B 250 6.27 -10.08 23.50
CA ASP B 250 5.44 -11.04 24.21
C ASP B 250 4.27 -11.44 23.33
N LEU B 251 4.37 -12.59 22.68
CA LEU B 251 3.34 -13.04 21.76
C LEU B 251 2.08 -13.49 22.51
N ASN B 252 1.57 -12.60 23.35
CA ASN B 252 0.39 -12.87 24.15
C ASN B 252 -0.66 -11.81 23.96
N PHE B 253 -1.91 -12.17 24.18
CA PHE B 253 -3.00 -11.23 23.98
C PHE B 253 -3.22 -10.43 25.26
N GLN B 254 -2.83 -11.01 26.39
CA GLN B 254 -2.85 -10.29 27.66
C GLN B 254 -1.77 -9.21 27.65
N ALA B 255 -0.67 -9.47 26.96
CA ALA B 255 0.40 -8.48 26.83
C ALA B 255 0.15 -7.57 25.64
N GLY B 256 -0.81 -7.94 24.80
CA GLY B 256 -1.16 -7.15 23.63
C GLY B 256 -0.06 -7.12 22.58
N PHE B 257 0.71 -8.20 22.51
CA PHE B 257 1.82 -8.34 21.57
C PHE B 257 2.80 -7.18 21.64
N LEU B 258 3.14 -6.75 22.84
CA LEU B 258 4.08 -5.64 23.02
C LEU B 258 5.50 -6.14 23.23
N MET B 259 6.45 -5.22 23.18
CA MET B 259 7.84 -5.52 23.50
C MET B 259 7.99 -5.83 24.98
N LYS B 260 8.73 -6.88 25.29
CA LYS B 260 8.97 -7.27 26.68
C LYS B 260 9.61 -6.13 27.46
N LYS B 261 9.16 -5.92 28.69
CA LYS B 261 9.68 -4.85 29.54
C LYS B 261 11.18 -5.00 29.75
N GLU B 262 11.64 -6.26 29.74
CA GLU B 262 13.06 -6.57 29.80
C GLU B 262 13.76 -5.99 28.58
N VAL B 263 13.09 -6.06 27.44
CA VAL B 263 13.65 -5.57 26.19
C VAL B 263 13.44 -4.06 26.05
N GLN B 264 12.33 -3.56 26.58
CA GLN B 264 12.04 -2.12 26.54
C GLN B 264 13.02 -1.34 27.39
N ASP B 265 13.53 -1.96 28.45
CA ASP B 265 14.52 -1.32 29.32
C ASP B 265 15.92 -1.39 28.70
N GLU B 266 16.08 -2.28 27.73
CA GLU B 266 17.35 -2.40 27.00
C GLU B 266 17.43 -1.36 25.89
N GLU B 267 16.30 -1.05 25.28
CA GLU B 267 16.24 -0.11 24.17
C GLU B 267 15.81 1.27 24.64
N LYS B 268 16.26 1.66 25.82
CA LYS B 268 15.89 2.95 26.40
C LYS B 268 17.04 3.94 26.30
N ASN B 269 18.24 3.42 26.49
CA ASN B 269 19.47 4.20 26.47
C ASN B 269 20.02 4.33 25.07
N LYS B 270 19.25 3.89 24.09
CA LYS B 270 19.66 3.92 22.70
C LYS B 270 18.99 5.06 21.94
N LYS B 271 19.62 5.49 20.85
CA LYS B 271 19.13 6.62 20.07
C LYS B 271 18.68 6.19 18.69
N PHE B 272 18.54 4.88 18.49
CA PHE B 272 18.04 4.34 17.25
C PHE B 272 16.96 3.30 17.51
N GLY B 273 16.04 3.15 16.56
CA GLY B 273 15.04 2.11 16.63
C GLY B 273 15.58 0.84 15.99
N LEU B 274 14.72 -0.16 15.85
CA LEU B 274 15.14 -1.43 15.26
C LEU B 274 14.82 -1.50 13.77
N SER B 275 13.86 -0.70 13.34
CA SER B 275 13.45 -0.68 11.94
C SER B 275 12.68 0.59 11.63
N VAL B 276 11.91 0.55 10.54
CA VAL B 276 11.07 1.68 10.18
C VAL B 276 9.83 1.71 11.06
N GLY B 277 9.15 0.58 11.16
CA GLY B 277 7.97 0.47 12.00
C GLY B 277 8.29 0.32 13.47
N HIS B 278 9.55 0.04 13.76
CA HIS B 278 10.00 -0.09 15.15
C HIS B 278 11.05 0.98 15.47
N HIS B 279 10.77 2.20 15.06
CA HIS B 279 11.67 3.32 15.31
C HIS B 279 11.62 3.75 16.77
N LEU B 280 10.54 3.36 17.44
CA LEU B 280 10.35 3.64 18.85
C LEU B 280 10.39 5.13 19.16
N GLY B 281 10.02 5.94 18.17
CA GLY B 281 10.06 7.39 18.32
C GLY B 281 11.48 7.91 18.24
N LYS B 282 12.40 7.04 17.84
CA LYS B 282 13.80 7.41 17.71
C LYS B 282 14.20 7.44 16.25
N SER B 283 15.50 7.40 15.98
CA SER B 283 15.99 7.46 14.61
C SER B 283 15.86 6.11 13.92
N ILE B 284 15.71 6.17 12.61
CA ILE B 284 15.63 4.97 11.78
C ILE B 284 16.97 4.67 11.15
N PRO B 285 17.47 3.44 11.35
CA PRO B 285 18.71 2.96 10.72
C PRO B 285 18.73 3.23 9.21
N THR B 286 19.84 3.81 8.74
CA THR B 286 19.95 4.23 7.34
C THR B 286 19.79 3.07 6.36
N ASP B 287 18.93 3.27 5.36
CA ASP B 287 18.62 2.26 4.35
C ASP B 287 18.28 0.91 4.97
N ASN B 288 17.22 0.89 5.77
CA ASN B 288 16.82 -0.31 6.47
C ASN B 288 16.03 -1.24 5.55
N GLN B 289 15.39 -0.67 4.54
CA GLN B 289 14.52 -1.42 3.64
C GLN B 289 15.12 -1.57 2.23
N ILE B 290 16.29 -1.00 2.01
CA ILE B 290 16.93 -1.09 0.70
C ILE B 290 18.28 -1.81 0.81
N LYS B 291 19.06 -1.49 1.84
CA LYS B 291 20.36 -2.11 2.04
C LYS B 291 20.34 -3.12 3.20
N ALA B 292 21.09 -4.20 3.02
CA ALA B 292 21.12 -5.31 3.99
C ALA B 292 21.73 -4.89 5.32
N ARG B 293 21.69 -5.80 6.28
CA ARG B 293 22.19 -5.54 7.63
C ARG B 293 23.69 -5.20 7.65
N LYS B 294 24.09 -4.44 8.66
CA LYS B 294 25.48 -4.03 8.87
C LYS B 294 26.05 -3.25 7.69
PA FAD C . -17.28 -7.50 9.97
O1A FAD C . -16.15 -8.39 10.42
O2A FAD C . -18.18 -7.92 8.83
O5B FAD C . -18.22 -7.19 11.23
C5B FAD C . -17.65 -7.05 12.52
C4B FAD C . -18.78 -7.08 13.53
O4B FAD C . -19.60 -5.91 13.40
C3B FAD C . -19.69 -8.27 13.29
O3B FAD C . -19.56 -9.20 14.36
C2B FAD C . -21.09 -7.72 13.23
O2B FAD C . -21.94 -8.47 14.11
C1B FAD C . -20.94 -6.29 13.72
N9A FAD C . -21.93 -5.39 13.06
C8A FAD C . -22.25 -5.39 11.77
N7A FAD C . -23.18 -4.44 11.51
C5A FAD C . -23.46 -3.81 12.66
C6A FAD C . -24.36 -2.71 13.09
N6A FAD C . -25.16 -2.08 12.20
N1A FAD C . -24.34 -2.36 14.40
C2A FAD C . -23.55 -2.98 15.29
N3A FAD C . -22.71 -3.99 14.97
C4A FAD C . -22.63 -4.44 13.69
N1 FAD C . -6.63 -6.85 9.53
C2 FAD C . -5.52 -6.24 10.01
O2 FAD C . -5.55 -5.80 11.17
N3 FAD C . -4.39 -6.09 9.28
C4 FAD C . -4.29 -6.55 8.02
O4 FAD C . -3.24 -6.40 7.37
C4X FAD C . -5.47 -7.24 7.43
N5 FAD C . -5.44 -7.72 6.17
C5X FAD C . -6.53 -8.34 5.65
C6 FAD C . -6.49 -8.83 4.35
C7 FAD C . -7.60 -9.47 3.82
C7M FAD C . -7.58 -10.00 2.41
C8 FAD C . -8.83 -9.63 4.63
C8M FAD C . -10.03 -10.32 4.04
C9 FAD C . -8.88 -9.13 5.93
C9A FAD C . -7.78 -8.50 6.47
N10 FAD C . -7.80 -8.00 7.78
C10 FAD C . -6.66 -7.36 8.28
C1' FAD C . -9.00 -8.13 8.62
C2' FAD C . -9.94 -6.96 8.38
O2' FAD C . -9.32 -5.72 8.78
C3' FAD C . -11.24 -7.15 9.14
O3' FAD C . -11.89 -8.32 8.64
C4' FAD C . -12.13 -5.92 8.97
O4' FAD C . -11.47 -4.79 9.54
C5' FAD C . -13.50 -6.08 9.61
O5' FAD C . -14.45 -6.45 8.62
P FAD C . -15.81 -5.59 8.47
O1P FAD C . -15.42 -4.15 8.67
O2P FAD C . -16.51 -6.02 7.19
O3P FAD C . -16.73 -6.01 9.71
C1 CBD D . -9.25 -10.79 12.97
SA CBD D . -10.91 -11.10 13.49
O1A CBD D . -11.85 -10.74 12.36
O2A CBD D . -11.06 -12.56 13.84
O3A CBD D . -11.24 -10.27 14.70
C2 CBD D . -8.87 -10.92 11.64
N2 CBD D . -9.87 -11.32 10.69
C3 CBD D . -7.55 -10.67 11.25
C4 CBD D . -7.17 -10.79 9.92
O4 CBD D . -7.99 -11.13 9.08
C5 CBD D . -5.85 -10.54 9.55
C6 CBD D . -5.46 -10.67 8.22
C7 CBD D . -4.15 -10.42 7.85
C8 CBD D . -3.23 -10.04 8.80
C9 CBD D . -3.59 -9.92 10.12
C10 CBD D . -4.91 -10.16 10.51
C11 CBD D . -5.29 -10.03 11.84
O11 CBD D . -4.48 -9.70 12.68
C12 CBD D . -6.61 -10.29 12.20
C13 CBD D . -7.04 -10.17 13.53
C14 CBD D . -8.34 -10.41 13.91
NB CBD D . -6.10 -9.79 14.54
CB1 CBD D . -6.90 -10.15 18.17
SB CBD D . -7.24 -9.13 19.57
O1B CBD D . -7.99 -9.95 20.58
O2B CBD D . -5.94 -8.62 20.15
O3B CBD D . -8.11 -7.96 19.15
CB2 CBD D . -6.87 -11.53 18.31
CB3 CBD D . -6.60 -12.33 17.21
CB4 CBD D . -6.34 -11.74 15.97
CB5 CBD D . -6.35 -10.36 15.83
CB6 CBD D . -6.64 -9.55 16.93
NC CBD D . -7.16 -12.12 19.62
NC1 CBD D . -7.11 -14.49 18.96
CC2 CBD D . -7.21 -15.80 19.25
CL CBD D . -7.02 -16.98 18.00
NC3 CBD D . -7.46 -16.17 20.51
CC4 CBD D . -7.60 -15.24 21.47
NC5 CBD D . -7.50 -13.94 21.17
CC6 CBD D . -7.26 -13.54 19.91
ND CBD D . -7.86 -15.68 22.81
CD1 CBD D . -6.89 -14.51 24.71
SD CBD D . -8.08 -13.21 24.43
O1D CBD D . -8.53 -12.67 25.77
O2D CBD D . -9.28 -13.78 23.70
O3D CBD D . -7.47 -12.12 23.60
CD2 CBD D . -6.89 -15.61 23.87
CD3 CBD D . -5.98 -16.64 24.05
CD4 CBD D . -5.05 -16.56 25.09
CD5 CBD D . -5.05 -15.45 25.93
CD6 CBD D . -5.96 -14.42 25.75
PA FAD E . 8.07 1.32 -19.90
O1A FAD E . 7.87 2.72 -19.38
O2A FAD E . 7.03 0.70 -20.81
O5B FAD E . 9.49 1.26 -20.64
C5B FAD E . 10.24 2.46 -20.82
C4B FAD E . 11.15 2.29 -22.04
O4B FAD E . 11.89 1.08 -21.92
C3B FAD E . 10.32 2.19 -23.31
O3B FAD E . 10.61 3.29 -24.18
C2B FAD E . 10.73 0.89 -23.96
O2B FAD E . 10.97 1.06 -25.36
C1B FAD E . 12.02 0.51 -23.24
N9A FAD E . 12.20 -0.95 -23.19
C8A FAD E . 11.24 -1.88 -23.00
N7A FAD E . 11.76 -3.13 -23.05
C5A FAD E . 13.08 -3.03 -23.30
C6A FAD E . 14.22 -3.94 -23.48
N6A FAD E . 14.06 -5.29 -23.39
N1A FAD E . 15.44 -3.41 -23.71
C2A FAD E . 15.62 -2.08 -23.79
N3A FAD E . 14.63 -1.18 -23.64
C4A FAD E . 13.36 -1.58 -23.40
N1 FAD E . 5.80 6.25 -10.59
C2 FAD E . 6.31 6.60 -9.39
O2 FAD E . 7.52 6.90 -9.32
N3 FAD E . 5.58 6.65 -8.26
C4 FAD E . 4.27 6.34 -8.25
O4 FAD E . 3.60 6.38 -7.20
C4X FAD E . 3.63 5.94 -9.53
N5 FAD E . 2.32 5.62 -9.59
C5X FAD E . 1.76 5.26 -10.77
C6 FAD E . 0.41 4.92 -10.82
C7 FAD E . -0.16 4.55 -12.03
C7M FAD E . -1.62 4.20 -12.11
C8 FAD E . 0.66 4.51 -13.27
C8M FAD E . 0.04 4.11 -14.58
C9 FAD E . 2.01 4.84 -13.22
C9A FAD E . 2.58 5.21 -12.01
N10 FAD E . 3.95 5.54 -11.96
C10 FAD E . 4.50 5.91 -10.72
C1' FAD E . 4.77 5.50 -13.16
C2' FAD E . 5.39 4.12 -13.31
O2' FAD E . 6.32 3.89 -12.25
C3' FAD E . 6.09 3.99 -14.65
O3' FAD E . 5.16 4.26 -15.70
C4' FAD E . 6.66 2.58 -14.84
O4' FAD E . 7.71 2.36 -13.90
C5' FAD E . 7.17 2.37 -16.26
O5' FAD E . 7.68 1.06 -16.33
P FAD E . 7.25 0.06 -17.52
O1P FAD E . 7.46 -1.35 -17.03
O2P FAD E . 5.89 0.50 -18.02
O3P FAD E . 8.34 0.32 -18.67
C1 CBD F . 6.57 9.46 -15.55
SA CBD F . 6.57 8.85 -17.20
O1A CBD F . 5.90 7.50 -17.24
O2A CBD F . 5.83 9.80 -18.10
O3A CBD F . 8.01 8.72 -17.66
C2 CBD F . 5.55 9.07 -14.69
N2 CBD F . 4.52 8.19 -15.17
C3 CBD F . 5.53 9.54 -13.37
C4 CBD F . 4.52 9.16 -12.52
O4 CBD F . 3.65 8.41 -12.93
C5 CBD F . 4.47 9.61 -11.21
C6 CBD F . 3.45 9.22 -10.36
C7 CBD F . 3.42 9.68 -9.05
C8 CBD F . 4.40 10.52 -8.60
C9 CBD F . 5.44 10.93 -9.44
C10 CBD F . 5.48 10.47 -10.75
C11 CBD F . 6.51 10.86 -11.60
O11 CBD F . 7.38 11.61 -11.19
C12 CBD F . 6.54 10.40 -12.93
C13 CBD F . 7.59 10.78 -13.82
C14 CBD F . 7.56 10.30 -15.12
NB CBD F . 8.59 11.67 -13.31
CB1 CBD F . 12.24 12.54 -13.13
SB CBD F . 13.16 13.70 -12.15
O1B CBD F . 14.45 13.09 -11.66
O2B CBD F . 13.45 14.94 -12.95
O3B CBD F . 12.34 14.07 -10.93
CB2 CBD F . 12.81 11.69 -14.10
CB3 CBD F . 11.97 10.83 -14.79
CB4 CBD F . 10.59 10.80 -14.56
CB5 CBD F . 10.02 11.64 -13.61
CB6 CBD F . 10.85 12.51 -12.90
NC CBD F . 14.23 11.61 -14.42
NC1 CBD F . 14.90 13.87 -15.05
CC2 CBD F . 15.81 14.87 -15.02
CL CBD F . 15.48 16.39 -15.82
NC3 CBD F . 16.99 14.70 -14.38
CC4 CBD F . 17.25 13.54 -13.77
NC5 CBD F . 16.35 12.55 -13.79
CC6 CBD F . 15.17 12.71 -14.42
ND CBD F . 18.50 13.38 -13.07
CD1 CBD F . 18.30 12.59 -10.74
SD CBD F . 17.72 14.17 -10.18
O1D CBD F . 18.79 14.83 -9.36
O2D CBD F . 17.37 15.07 -11.34
O3D CBD F . 16.50 13.92 -9.34
CD2 CBD F . 18.62 12.34 -12.08
CD3 CBD F . 19.07 11.08 -12.47
CD4 CBD F . 19.19 10.07 -11.52
CD5 CBD F . 18.87 10.31 -10.19
CD6 CBD F . 18.42 11.56 -9.80
#